data_6TQA
#
_entry.id   6TQA
#
_cell.length_a   44.530
_cell.length_b   160.660
_cell.length_c   68.010
_cell.angle_alpha   90.000
_cell.angle_beta   107.960
_cell.angle_gamma   90.000
#
_symmetry.space_group_name_H-M   'P 1 21 1'
#
loop_
_entity.id
_entity.type
_entity.pdbx_description
1 polymer Roquin-1
2 polymer "RNA (5'-R(P*GP*GP*UP*GP*CP*CP*UP*AP*AP*UP*AP*UP*UP*UP*AP*GP*GP*CP*AP*CP*(CCC))-3')"
3 non-polymer 'CHLORIDE ION'
4 non-polymer 'MAGNESIUM ION'
5 water water
#
loop_
_entity_poly.entity_id
_entity_poly.type
_entity_poly.pdbx_seq_one_letter_code
_entity_poly.pdbx_strand_id
1 'polypeptide(L)'
;EEEGRIRAMRAARSLGERTVTELILQHQNPQQLSSNLWAAVRARGCQFLGPAMQEEALKLVLLALEDGSALSRKVLVLFV
VQRLEPRFPQASKTSIGHVVQLLYRASCFKVTKRDEDSSLMQLKEEFRTYEALRREHDSQIVQIAMEAGLRIAPDQWSSL
LYGDQSHKSHMQSIIDKLQT
;
A,B,C,D
2 'polyribonucleotide' GGUGCCUAAUAUUUAGGCAC(CCC) E,F,G,H
#
# COMPACT_ATOMS: atom_id res chain seq x y z
N GLN A 28 -11.31 -45.84 -1.89
CA GLN A 28 -11.70 -44.44 -1.50
C GLN A 28 -13.20 -44.21 -1.79
N ASN A 29 -14.06 -44.41 -0.79
CA ASN A 29 -15.52 -44.08 -0.83
C ASN A 29 -15.70 -42.57 -0.66
N PRO A 30 -16.90 -41.99 -0.96
CA PRO A 30 -17.18 -40.56 -0.76
C PRO A 30 -17.13 -39.96 0.67
N GLN A 31 -17.77 -40.58 1.67
CA GLN A 31 -17.74 -40.10 3.09
C GLN A 31 -16.27 -39.93 3.54
N GLN A 32 -15.38 -40.72 2.96
CA GLN A 32 -13.91 -40.71 3.21
C GLN A 32 -13.24 -39.52 2.52
N LEU A 33 -13.45 -39.36 1.20
CA LEU A 33 -12.83 -38.29 0.36
C LEU A 33 -13.28 -36.90 0.88
N SER A 34 -14.57 -36.75 1.26
CA SER A 34 -15.12 -35.49 1.86
C SER A 34 -14.41 -35.16 3.20
N SER A 35 -14.28 -36.10 4.14
CA SER A 35 -13.52 -35.89 5.42
C SER A 35 -12.01 -35.71 5.15
N ASN A 36 -11.44 -36.45 4.18
CA ASN A 36 -10.01 -36.26 3.78
C ASN A 36 -9.89 -34.89 3.12
N LEU A 37 -10.89 -34.47 2.34
CA LEU A 37 -10.82 -33.12 1.69
C LEU A 37 -10.86 -32.05 2.80
N TRP A 38 -11.85 -32.05 3.67
CA TRP A 38 -11.96 -30.94 4.64
C TRP A 38 -10.73 -30.88 5.59
N ALA A 39 -10.17 -32.00 6.01
CA ALA A 39 -8.98 -32.06 6.90
C ALA A 39 -7.75 -31.44 6.21
N ALA A 40 -7.62 -31.64 4.91
CA ALA A 40 -6.55 -31.11 4.06
C ALA A 40 -6.62 -29.59 4.08
N VAL A 41 -7.87 -29.10 3.97
CA VAL A 41 -8.20 -27.65 3.82
C VAL A 41 -7.83 -26.97 5.12
N ARG A 42 -8.38 -27.46 6.21
CA ARG A 42 -8.11 -26.99 7.60
C ARG A 42 -6.62 -27.17 7.91
N ALA A 43 -5.91 -28.12 7.28
CA ALA A 43 -4.45 -28.33 7.56
C ALA A 43 -3.63 -27.12 7.10
N ARG A 44 -4.04 -26.44 6.04
CA ARG A 44 -3.36 -25.23 5.52
C ARG A 44 -3.98 -23.99 6.14
N GLY A 45 -4.81 -24.16 7.16
CA GLY A 45 -5.32 -23.05 7.98
C GLY A 45 -6.48 -22.38 7.33
N CYS A 46 -7.09 -23.08 6.37
CA CYS A 46 -8.25 -22.61 5.56
C CYS A 46 -9.53 -23.28 6.09
N GLN A 47 -10.68 -22.91 5.55
CA GLN A 47 -11.97 -23.43 6.07
C GLN A 47 -13.09 -23.25 5.03
N PHE A 48 -14.00 -24.22 5.01
CA PHE A 48 -15.27 -24.22 4.24
C PHE A 48 -16.38 -24.48 5.27
N LEU A 49 -17.33 -23.55 5.41
CA LEU A 49 -18.34 -23.48 6.48
C LEU A 49 -19.66 -24.11 6.03
N GLY A 50 -19.67 -24.89 4.93
CA GLY A 50 -20.88 -25.39 4.28
C GLY A 50 -21.34 -24.43 3.17
N PRO A 51 -22.14 -24.90 2.18
CA PRO A 51 -22.50 -24.11 1.01
C PRO A 51 -23.29 -22.82 1.27
N ALA A 52 -24.23 -22.79 2.22
CA ALA A 52 -24.98 -21.58 2.66
C ALA A 52 -24.02 -20.52 3.24
N MET A 53 -23.37 -20.85 4.36
CA MET A 53 -22.57 -19.91 5.16
C MET A 53 -21.36 -19.46 4.31
N GLN A 54 -20.68 -20.35 3.61
CA GLN A 54 -19.47 -19.93 2.87
C GLN A 54 -19.87 -18.86 1.85
N GLU A 55 -21.01 -19.07 1.15
CA GLU A 55 -21.61 -18.11 0.16
C GLU A 55 -21.91 -16.78 0.88
N GLU A 56 -22.57 -16.81 2.00
CA GLU A 56 -22.80 -15.58 2.67
C GLU A 56 -21.46 -14.94 3.21
N ALA A 57 -20.47 -15.75 3.61
CA ALA A 57 -19.15 -15.24 4.08
C ALA A 57 -18.48 -14.48 2.93
N LEU A 58 -18.47 -15.08 1.73
CA LEU A 58 -17.72 -14.48 0.60
C LEU A 58 -18.41 -13.17 0.28
N LYS A 59 -19.72 -13.12 0.44
CA LYS A 59 -20.51 -11.98 -0.09
C LYS A 59 -20.16 -10.79 0.79
N LEU A 60 -20.00 -11.06 2.10
CA LEU A 60 -19.73 -10.03 3.14
C LEU A 60 -18.29 -9.57 2.95
N VAL A 61 -17.39 -10.47 2.59
CA VAL A 61 -16.01 -10.07 2.18
C VAL A 61 -16.10 -9.09 1.02
N LEU A 62 -16.92 -9.38 0.03
CA LEU A 62 -17.15 -8.50 -1.16
C LEU A 62 -17.80 -7.18 -0.75
N LEU A 63 -18.70 -7.21 0.23
CA LEU A 63 -19.44 -6.03 0.73
C LEU A 63 -18.45 -5.05 1.37
N ALA A 64 -17.47 -5.59 2.10
CA ALA A 64 -16.39 -4.80 2.74
C ALA A 64 -15.37 -4.29 1.72
N LEU A 65 -15.09 -5.08 0.66
CA LEU A 65 -13.88 -4.88 -0.19
C LEU A 65 -14.19 -4.46 -1.65
N GLU A 66 -15.40 -4.69 -2.20
CA GLU A 66 -15.67 -4.45 -3.66
C GLU A 66 -15.40 -2.99 -4.04
N ASP A 67 -15.51 -2.05 -3.08
CA ASP A 67 -15.23 -0.60 -3.37
C ASP A 67 -13.74 -0.26 -3.29
N GLY A 68 -12.84 -1.19 -3.01
CA GLY A 68 -11.40 -0.85 -2.93
C GLY A 68 -10.92 -0.46 -1.53
N SER A 69 -11.81 -0.41 -0.53
CA SER A 69 -11.45 -0.29 0.91
C SER A 69 -10.29 -1.25 1.21
N ALA A 70 -9.46 -0.88 2.19
CA ALA A 70 -8.22 -1.61 2.53
C ALA A 70 -8.19 -1.97 4.03
N LEU A 71 -8.45 -3.23 4.32
CA LEU A 71 -8.72 -3.69 5.71
C LEU A 71 -7.61 -4.68 6.08
N SER A 72 -7.05 -4.54 7.29
CA SER A 72 -6.28 -5.57 8.01
C SER A 72 -7.10 -6.84 8.08
N ARG A 73 -6.47 -8.00 8.27
CA ARG A 73 -7.18 -9.26 8.54
C ARG A 73 -8.18 -8.99 9.65
N LYS A 74 -7.72 -8.36 10.71
CA LYS A 74 -8.47 -8.25 11.97
C LYS A 74 -9.78 -7.51 11.75
N VAL A 75 -9.76 -6.43 10.97
CA VAL A 75 -10.97 -5.63 10.69
C VAL A 75 -11.84 -6.38 9.67
N LEU A 76 -11.25 -7.08 8.72
CA LEU A 76 -12.08 -7.85 7.76
C LEU A 76 -12.82 -8.93 8.55
N VAL A 77 -12.11 -9.62 9.42
CA VAL A 77 -12.74 -10.68 10.25
C VAL A 77 -13.87 -10.07 11.07
N LEU A 78 -13.63 -8.98 11.79
CA LEU A 78 -14.70 -8.43 12.68
C LEU A 78 -15.91 -8.06 11.85
N PHE A 79 -15.68 -7.51 10.66
CA PHE A 79 -16.79 -7.02 9.81
C PHE A 79 -17.68 -8.23 9.41
N VAL A 80 -17.08 -9.25 8.81
CA VAL A 80 -17.82 -10.45 8.31
C VAL A 80 -18.43 -11.16 9.50
N VAL A 81 -17.74 -11.23 10.63
CA VAL A 81 -18.27 -12.05 11.77
C VAL A 81 -19.53 -11.39 12.30
N GLN A 82 -19.44 -10.09 12.56
CA GLN A 82 -20.53 -9.33 13.21
C GLN A 82 -21.81 -9.41 12.37
N ARG A 83 -21.74 -9.43 11.04
CA ARG A 83 -22.96 -9.37 10.18
C ARG A 83 -23.48 -10.81 9.97
N LEU A 84 -22.61 -11.80 10.08
CA LEU A 84 -22.87 -13.23 9.77
C LEU A 84 -23.51 -13.87 11.02
N GLU A 85 -23.28 -13.28 12.17
CA GLU A 85 -23.56 -13.92 13.46
C GLU A 85 -25.05 -14.14 13.62
N PRO A 86 -25.89 -13.14 13.29
CA PRO A 86 -27.32 -13.23 13.57
C PRO A 86 -28.02 -14.42 12.87
N ARG A 87 -27.56 -14.82 11.68
CA ARG A 87 -28.14 -15.96 10.91
C ARG A 87 -27.35 -17.24 11.18
N PHE A 88 -26.04 -17.15 11.39
CA PHE A 88 -25.13 -18.31 11.59
C PHE A 88 -24.37 -18.11 12.91
N PRO A 89 -24.92 -18.57 14.06
CA PRO A 89 -24.30 -18.29 15.36
C PRO A 89 -22.91 -18.94 15.56
N GLN A 90 -22.61 -19.99 14.81
CA GLN A 90 -21.28 -20.68 14.85
C GLN A 90 -20.15 -19.82 14.25
N ALA A 91 -20.42 -18.72 13.55
CA ALA A 91 -19.38 -17.83 13.01
C ALA A 91 -18.49 -17.39 14.17
N SER A 92 -17.17 -17.49 14.01
CA SER A 92 -16.10 -17.12 14.96
C SER A 92 -14.95 -16.40 14.24
N LYS A 93 -14.11 -15.69 14.97
CA LYS A 93 -12.91 -15.02 14.43
C LYS A 93 -12.03 -16.10 13.80
N THR A 94 -12.00 -17.32 14.38
CA THR A 94 -11.15 -18.44 13.90
C THR A 94 -11.71 -18.95 12.57
N SER A 95 -13.03 -19.12 12.48
CA SER A 95 -13.68 -19.80 11.34
C SER A 95 -13.62 -18.83 10.19
N ILE A 96 -13.75 -17.53 10.47
CA ILE A 96 -13.77 -16.49 9.40
C ILE A 96 -12.32 -16.18 9.02
N GLY A 97 -11.41 -16.15 10.01
CA GLY A 97 -9.95 -16.14 9.75
C GLY A 97 -9.56 -17.24 8.76
N HIS A 98 -10.03 -18.46 8.97
CA HIS A 98 -9.75 -19.60 8.07
C HIS A 98 -10.34 -19.29 6.63
N VAL A 99 -11.57 -18.78 6.49
CA VAL A 99 -12.11 -18.39 5.14
C VAL A 99 -11.23 -17.29 4.53
N VAL A 100 -10.94 -16.21 5.26
CA VAL A 100 -9.99 -15.14 4.82
C VAL A 100 -8.66 -15.77 4.41
N GLN A 101 -8.04 -16.62 5.24
CA GLN A 101 -6.83 -17.35 4.82
C GLN A 101 -7.06 -18.07 3.46
N LEU A 102 -8.24 -18.67 3.22
CA LEU A 102 -8.47 -19.39 1.93
C LEU A 102 -8.36 -18.43 0.74
N LEU A 103 -8.94 -17.25 0.88
CA LEU A 103 -8.87 -16.21 -0.18
C LEU A 103 -7.39 -15.75 -0.36
N TYR A 104 -6.64 -15.58 0.75
CA TYR A 104 -5.25 -15.09 0.75
C TYR A 104 -4.34 -16.14 0.11
N ARG A 105 -4.58 -17.41 0.42
CA ARG A 105 -3.87 -18.58 -0.16
C ARG A 105 -4.20 -18.72 -1.67
N ALA A 106 -5.37 -18.25 -2.11
CA ALA A 106 -5.83 -18.23 -3.52
C ALA A 106 -5.27 -17.01 -4.25
N SER A 107 -4.56 -16.12 -3.55
CA SER A 107 -3.96 -14.89 -4.13
C SER A 107 -5.04 -13.93 -4.63
N CYS A 108 -6.16 -13.86 -3.92
CA CYS A 108 -7.26 -12.86 -4.16
C CYS A 108 -6.89 -11.46 -3.64
N PHE A 109 -5.98 -11.31 -2.69
CA PHE A 109 -5.73 -9.97 -2.09
C PHE A 109 -4.44 -9.29 -2.65
N LYS A 110 -4.57 -8.01 -2.99
CA LYS A 110 -3.51 -6.97 -2.94
C LYS A 110 -3.21 -6.59 -1.48
N VAL A 111 -1.94 -6.76 -1.09
CA VAL A 111 -1.46 -6.64 0.30
C VAL A 111 -0.50 -5.44 0.43
N THR A 112 -0.96 -4.31 0.98
CA THR A 112 -0.07 -3.17 1.32
C THR A 112 0.68 -3.43 2.64
N LYS A 113 1.99 -3.60 2.50
CA LYS A 113 2.95 -3.92 3.57
C LYS A 113 3.56 -2.57 3.95
N ARG A 114 3.40 -2.18 5.21
CA ARG A 114 4.13 -1.02 5.80
C ARG A 114 4.92 -1.47 7.03
N ASP A 115 6.00 -0.76 7.37
CA ASP A 115 6.76 -0.97 8.63
C ASP A 115 5.90 -0.67 9.87
N GLU A 116 5.96 -1.56 10.86
CA GLU A 116 5.43 -1.42 12.24
C GLU A 116 3.89 -1.49 12.23
N ASP A 117 3.27 -1.94 11.17
CA ASP A 117 1.79 -1.99 11.07
C ASP A 117 1.32 -3.28 10.36
N SER A 118 0.10 -3.69 10.66
CA SER A 118 -0.62 -4.76 9.96
C SER A 118 -0.62 -4.49 8.43
N SER A 119 -0.30 -5.48 7.61
CA SER A 119 -0.60 -5.40 6.14
C SER A 119 -2.12 -5.14 5.91
N LEU A 120 -2.47 -4.24 5.01
CA LEU A 120 -3.88 -3.99 4.56
C LEU A 120 -4.16 -4.80 3.26
N MET A 121 -5.36 -5.35 3.20
CA MET A 121 -5.77 -6.20 2.07
C MET A 121 -6.91 -5.53 1.31
N GLN A 122 -6.67 -5.38 0.01
CA GLN A 122 -7.75 -5.06 -0.96
C GLN A 122 -8.04 -6.28 -1.81
N LEU A 123 -9.24 -6.39 -2.35
CA LEU A 123 -9.54 -7.44 -3.37
C LEU A 123 -8.83 -6.98 -4.64
N LYS A 124 -8.07 -7.82 -5.32
CA LYS A 124 -7.48 -7.44 -6.65
C LYS A 124 -8.63 -6.99 -7.56
N GLU A 125 -8.40 -6.04 -8.47
CA GLU A 125 -9.47 -5.49 -9.37
C GLU A 125 -10.23 -6.65 -10.04
N GLU A 126 -9.56 -7.68 -10.54
CA GLU A 126 -10.20 -8.81 -11.27
C GLU A 126 -11.15 -9.61 -10.36
N PHE A 127 -11.02 -9.59 -9.01
CA PHE A 127 -11.89 -10.43 -8.14
C PHE A 127 -12.85 -9.61 -7.28
N ARG A 128 -13.39 -8.51 -7.79
CA ARG A 128 -14.32 -7.64 -7.03
C ARG A 128 -15.78 -7.94 -7.38
N THR A 129 -16.06 -9.13 -7.91
CA THR A 129 -17.44 -9.63 -8.08
C THR A 129 -17.50 -11.07 -7.55
N TYR A 130 -18.70 -11.48 -7.17
CA TYR A 130 -18.97 -12.78 -6.52
C TYR A 130 -18.59 -13.92 -7.46
N GLU A 131 -19.02 -13.89 -8.72
CA GLU A 131 -18.71 -14.99 -9.68
C GLU A 131 -17.19 -15.21 -9.74
N ALA A 132 -16.39 -14.14 -9.95
CA ALA A 132 -14.92 -14.19 -10.15
C ALA A 132 -14.23 -14.57 -8.84
N LEU A 133 -14.72 -14.04 -7.71
CA LEU A 133 -14.14 -14.40 -6.40
C LEU A 133 -14.44 -15.88 -6.12
N ARG A 134 -15.68 -16.34 -6.40
CA ARG A 134 -16.08 -17.72 -6.06
C ARG A 134 -15.28 -18.73 -6.90
N ARG A 135 -15.10 -18.44 -8.20
CA ARG A 135 -14.28 -19.29 -9.10
C ARG A 135 -12.90 -19.43 -8.45
N GLU A 136 -12.36 -18.35 -7.91
CA GLU A 136 -10.97 -18.41 -7.41
C GLU A 136 -10.97 -19.30 -6.16
N HIS A 137 -11.99 -19.14 -5.33
CA HIS A 137 -12.21 -19.92 -4.08
C HIS A 137 -12.33 -21.43 -4.37
N ASP A 138 -13.22 -21.78 -5.30
CA ASP A 138 -13.43 -23.16 -5.77
C ASP A 138 -12.09 -23.70 -6.27
N SER A 139 -11.39 -22.96 -7.13
CA SER A 139 -10.13 -23.43 -7.78
C SER A 139 -9.14 -23.82 -6.68
N GLN A 140 -8.97 -22.95 -5.65
CA GLN A 140 -8.00 -23.10 -4.54
C GLN A 140 -8.33 -24.38 -3.77
N ILE A 141 -9.60 -24.59 -3.44
CA ILE A 141 -10.00 -25.87 -2.80
C ILE A 141 -9.61 -27.03 -3.72
N VAL A 142 -9.83 -26.90 -5.03
CA VAL A 142 -9.45 -28.03 -5.94
C VAL A 142 -7.92 -28.22 -5.91
N GLN A 143 -7.10 -27.17 -5.93
CA GLN A 143 -5.63 -27.33 -5.86
C GLN A 143 -5.24 -28.04 -4.55
N ILE A 144 -6.02 -27.87 -3.48
CA ILE A 144 -5.70 -28.49 -2.14
C ILE A 144 -6.04 -29.98 -2.23
N ALA A 145 -7.13 -30.29 -2.91
CA ALA A 145 -7.49 -31.69 -3.21
C ALA A 145 -6.34 -32.37 -3.98
N MET A 146 -5.74 -31.66 -4.92
CA MET A 146 -4.66 -32.23 -5.76
C MET A 146 -3.37 -32.32 -4.95
N GLU A 147 -3.08 -31.30 -4.14
CA GLU A 147 -1.87 -31.33 -3.30
C GLU A 147 -1.99 -32.52 -2.36
N ALA A 148 -3.22 -32.89 -1.92
CA ALA A 148 -3.44 -33.97 -0.94
C ALA A 148 -3.60 -35.31 -1.66
N GLY A 149 -3.40 -35.33 -2.98
CA GLY A 149 -3.58 -36.50 -3.86
C GLY A 149 -5.02 -36.99 -3.94
N LEU A 150 -6.03 -36.20 -3.52
CA LEU A 150 -7.46 -36.62 -3.55
C LEU A 150 -8.03 -36.49 -4.97
N ARG A 151 -8.73 -37.52 -5.42
CA ARG A 151 -9.36 -37.61 -6.77
C ARG A 151 -10.86 -37.70 -6.55
N ILE A 152 -11.54 -36.56 -6.77
CA ILE A 152 -12.97 -36.29 -6.50
C ILE A 152 -13.57 -35.83 -7.80
N ALA A 153 -14.64 -36.50 -8.24
CA ALA A 153 -15.31 -36.28 -9.54
C ALA A 153 -16.19 -35.05 -9.40
N PRO A 154 -16.64 -34.45 -10.54
CA PRO A 154 -17.48 -33.27 -10.50
C PRO A 154 -18.81 -33.40 -9.77
N ASP A 155 -19.56 -34.49 -9.95
CA ASP A 155 -20.87 -34.60 -9.24
C ASP A 155 -20.57 -34.38 -7.74
N GLN A 156 -19.51 -34.99 -7.19
CA GLN A 156 -19.21 -34.93 -5.74
C GLN A 156 -18.73 -33.51 -5.37
N TRP A 157 -17.91 -32.90 -6.23
CA TRP A 157 -17.55 -31.46 -6.11
C TRP A 157 -18.82 -30.61 -6.07
N SER A 158 -19.66 -30.68 -7.09
CA SER A 158 -20.91 -29.87 -7.08
C SER A 158 -21.55 -29.99 -5.69
N SER A 159 -21.67 -31.20 -5.17
CA SER A 159 -22.34 -31.50 -3.89
C SER A 159 -21.69 -30.71 -2.73
N LEU A 160 -20.36 -30.77 -2.66
CA LEU A 160 -19.49 -30.40 -1.53
C LEU A 160 -19.50 -28.87 -1.36
N LEU A 161 -19.33 -28.15 -2.47
CA LEU A 161 -19.23 -26.68 -2.51
C LEU A 161 -20.59 -26.00 -2.63
N TYR A 162 -21.63 -26.63 -3.25
CA TYR A 162 -22.93 -25.97 -3.58
C TYR A 162 -24.15 -26.71 -3.00
N GLY A 163 -24.01 -27.98 -2.60
CA GLY A 163 -25.11 -28.74 -1.99
C GLY A 163 -26.13 -29.18 -3.04
N ASP A 164 -25.75 -29.14 -4.32
CA ASP A 164 -26.63 -29.55 -5.46
C ASP A 164 -25.76 -30.17 -6.55
N GLN A 165 -26.41 -30.49 -7.68
CA GLN A 165 -25.78 -31.16 -8.82
C GLN A 165 -25.71 -30.18 -9.98
N SER A 166 -25.92 -28.89 -9.73
CA SER A 166 -26.12 -27.89 -10.80
C SER A 166 -24.84 -27.17 -11.21
N HIS A 167 -23.70 -27.64 -10.71
CA HIS A 167 -22.38 -26.96 -10.81
C HIS A 167 -21.32 -27.94 -11.33
N LYS A 168 -21.70 -29.12 -11.84
CA LYS A 168 -20.71 -30.14 -12.25
C LYS A 168 -19.77 -29.56 -13.31
N SER A 169 -20.28 -28.78 -14.26
CA SER A 169 -19.57 -28.28 -15.48
C SER A 169 -18.56 -27.24 -15.01
N HIS A 170 -19.06 -26.29 -14.25
CA HIS A 170 -18.24 -25.36 -13.44
C HIS A 170 -17.03 -26.11 -12.85
N MET A 171 -17.31 -27.10 -12.01
CA MET A 171 -16.25 -27.89 -11.39
C MET A 171 -15.34 -28.56 -12.44
N GLN A 172 -15.87 -29.17 -13.50
CA GLN A 172 -15.06 -29.88 -14.55
C GLN A 172 -14.12 -28.88 -15.22
N SER A 173 -14.65 -27.69 -15.44
CA SER A 173 -13.92 -26.52 -15.95
C SER A 173 -12.71 -26.19 -15.03
N ILE A 174 -12.89 -26.27 -13.72
CA ILE A 174 -11.76 -25.87 -12.84
C ILE A 174 -10.74 -27.01 -12.87
N ILE A 175 -11.22 -28.27 -12.88
CA ILE A 175 -10.34 -29.49 -12.87
C ILE A 175 -9.46 -29.47 -14.12
N ASP A 176 -10.05 -29.21 -15.31
CA ASP A 176 -9.33 -29.18 -16.61
C ASP A 176 -8.25 -28.08 -16.56
N LYS A 177 -8.60 -26.85 -16.16
CA LYS A 177 -7.60 -25.74 -16.07
C LYS A 177 -6.39 -26.18 -15.24
N LEU A 178 -6.62 -26.79 -14.07
CA LEU A 178 -5.56 -27.22 -13.10
C LEU A 178 -4.70 -28.38 -13.62
N GLN A 179 -5.23 -29.20 -14.53
CA GLN A 179 -4.45 -30.28 -15.19
C GLN A 179 -3.84 -29.74 -16.49
N GLN C 31 8.34 -36.46 -13.91
CA GLN C 31 8.36 -35.20 -13.10
C GLN C 31 9.71 -35.00 -12.41
N GLN C 32 10.69 -35.86 -12.72
CA GLN C 32 11.97 -36.02 -11.96
C GLN C 32 12.72 -34.68 -11.88
N LEU C 33 12.76 -33.97 -13.02
CA LEU C 33 13.76 -32.93 -13.33
C LEU C 33 13.35 -31.58 -12.72
N SER C 34 12.07 -31.43 -12.33
CA SER C 34 11.48 -30.20 -11.73
C SER C 34 12.25 -29.57 -10.56
N SER C 35 12.37 -30.30 -9.45
CA SER C 35 13.06 -29.83 -8.22
C SER C 35 14.56 -29.95 -8.48
N ASN C 36 14.98 -30.83 -9.39
CA ASN C 36 16.38 -30.98 -9.86
C ASN C 36 16.86 -29.70 -10.58
N LEU C 37 16.00 -29.07 -11.38
CA LEU C 37 16.34 -27.81 -12.12
C LEU C 37 16.44 -26.66 -11.12
N TRP C 38 15.36 -26.41 -10.36
CA TRP C 38 15.25 -25.26 -9.41
C TRP C 38 16.25 -25.38 -8.27
N ALA C 39 16.96 -26.52 -8.16
CA ALA C 39 18.17 -26.76 -7.33
C ALA C 39 19.40 -26.11 -7.96
N ALA C 40 19.65 -26.35 -9.26
CA ALA C 40 20.86 -25.86 -9.96
C ALA C 40 20.76 -24.34 -10.20
N VAL C 41 19.53 -23.82 -10.20
CA VAL C 41 19.25 -22.37 -10.40
C VAL C 41 19.63 -21.70 -9.07
N ARG C 42 19.14 -22.28 -7.99
CA ARG C 42 19.36 -21.77 -6.60
CA ARG C 42 19.34 -21.81 -6.60
C ARG C 42 20.82 -21.94 -6.21
N ALA C 43 21.45 -23.05 -6.60
CA ALA C 43 22.87 -23.33 -6.33
C ALA C 43 23.77 -22.18 -6.84
N ARG C 44 23.37 -21.48 -7.92
CA ARG C 44 24.17 -20.41 -8.60
C ARG C 44 23.64 -18.99 -8.25
N GLY C 45 22.82 -18.88 -7.22
CA GLY C 45 22.40 -17.58 -6.66
C GLY C 45 21.27 -16.97 -7.47
N CYS C 46 20.57 -17.81 -8.23
CA CYS C 46 19.49 -17.43 -9.18
C CYS C 46 18.16 -18.03 -8.77
N GLN C 47 17.09 -17.59 -9.42
CA GLN C 47 15.73 -17.98 -9.00
C GLN C 47 14.76 -17.63 -10.09
N PHE C 48 13.76 -18.49 -10.21
CA PHE C 48 12.60 -18.38 -11.10
C PHE C 48 11.40 -18.35 -10.20
N LEU C 49 10.56 -17.32 -10.32
CA LEU C 49 9.56 -17.07 -9.27
C LEU C 49 8.18 -17.62 -9.62
N GLY C 50 8.06 -18.31 -10.75
CA GLY C 50 6.76 -18.72 -11.26
C GLY C 50 6.51 -17.97 -12.56
N PRO C 51 5.79 -18.55 -13.53
CA PRO C 51 5.59 -17.86 -14.80
C PRO C 51 5.08 -16.46 -14.53
N ALA C 52 4.06 -16.27 -13.69
CA ALA C 52 3.33 -14.99 -13.64
C ALA C 52 4.19 -13.99 -12.85
N MET C 53 4.73 -14.39 -11.72
CA MET C 53 5.62 -13.51 -10.93
C MET C 53 6.93 -13.26 -11.72
N GLN C 54 7.48 -14.27 -12.42
CA GLN C 54 8.74 -13.95 -13.13
C GLN C 54 8.43 -12.83 -14.14
N GLU C 55 7.40 -13.00 -14.98
CA GLU C 55 7.07 -12.05 -16.09
C GLU C 55 6.93 -10.60 -15.56
N GLU C 56 6.24 -10.40 -14.45
CA GLU C 56 6.00 -9.07 -13.85
C GLU C 56 7.32 -8.56 -13.28
N ALA C 57 8.13 -9.43 -12.64
CA ALA C 57 9.43 -9.05 -12.05
C ALA C 57 10.26 -8.47 -13.18
N LEU C 58 10.26 -9.13 -14.37
CA LEU C 58 11.14 -8.69 -15.49
C LEU C 58 10.61 -7.37 -16.06
N LYS C 59 9.31 -7.13 -16.01
CA LYS C 59 8.73 -5.92 -16.65
C LYS C 59 9.14 -4.71 -15.80
N LEU C 60 9.20 -4.90 -14.48
CA LEU C 60 9.54 -3.87 -13.46
C LEU C 60 11.03 -3.56 -13.59
N VAL C 61 11.85 -4.57 -13.86
CA VAL C 61 13.27 -4.29 -14.21
C VAL C 61 13.28 -3.36 -15.42
N LEU C 62 12.44 -3.62 -16.43
CA LEU C 62 12.45 -2.79 -17.67
C LEU C 62 11.89 -1.41 -17.34
N LEU C 63 10.91 -1.31 -16.44
CA LEU C 63 10.32 0.00 -16.02
C LEU C 63 11.45 0.89 -15.49
N ALA C 64 12.41 0.28 -14.77
CA ALA C 64 13.48 1.01 -14.05
C ALA C 64 14.62 1.27 -15.03
N LEU C 65 14.92 0.34 -15.93
CA LEU C 65 16.19 0.33 -16.66
C LEU C 65 16.07 0.70 -18.12
N GLU C 66 14.86 0.73 -18.69
CA GLU C 66 14.72 0.72 -20.16
C GLU C 66 15.13 2.07 -20.77
N ASP C 67 14.92 3.17 -20.04
CA ASP C 67 15.28 4.55 -20.46
C ASP C 67 16.78 4.77 -20.28
N GLY C 68 17.55 3.73 -19.90
CA GLY C 68 19.01 3.75 -19.80
C GLY C 68 19.51 4.12 -18.40
N SER C 69 18.61 4.28 -17.45
CA SER C 69 18.95 4.48 -16.03
C SER C 69 20.03 3.51 -15.54
N ALA C 70 20.92 3.99 -14.66
CA ALA C 70 22.10 3.26 -14.08
C ALA C 70 21.90 2.99 -12.60
N LEU C 71 21.46 1.77 -12.24
CA LEU C 71 21.00 1.49 -10.86
C LEU C 71 21.93 0.48 -10.21
N SER C 72 22.23 0.68 -8.91
CA SER C 72 22.90 -0.36 -8.09
C SER C 72 21.95 -1.56 -7.96
N ARG C 73 22.51 -2.74 -7.72
CA ARG C 73 21.74 -3.94 -7.28
C ARG C 73 20.72 -3.52 -6.23
N LYS C 74 21.20 -2.95 -5.15
CA LYS C 74 20.35 -2.59 -4.00
C LYS C 74 19.18 -1.71 -4.50
N VAL C 75 19.46 -0.65 -5.23
CA VAL C 75 18.41 0.34 -5.58
C VAL C 75 17.42 -0.33 -6.55
N LEU C 76 17.92 -1.14 -7.47
CA LEU C 76 17.05 -1.88 -8.44
C LEU C 76 16.18 -2.91 -7.71
N VAL C 77 16.78 -3.64 -6.78
CA VAL C 77 16.04 -4.49 -5.82
C VAL C 77 14.96 -3.67 -5.10
N LEU C 78 15.26 -2.54 -4.48
CA LEU C 78 14.16 -1.87 -3.75
C LEU C 78 13.08 -1.48 -4.78
N PHE C 79 13.47 -1.06 -5.97
CA PHE C 79 12.52 -0.45 -6.94
C PHE C 79 11.47 -1.51 -7.31
N VAL C 80 11.93 -2.75 -7.56
CA VAL C 80 11.14 -3.90 -8.03
C VAL C 80 10.32 -4.54 -6.90
N VAL C 81 10.95 -4.82 -5.75
CA VAL C 81 10.23 -5.41 -4.60
C VAL C 81 8.96 -4.58 -4.32
N GLN C 82 9.04 -3.26 -4.28
CA GLN C 82 7.96 -2.39 -3.73
C GLN C 82 6.74 -2.51 -4.63
N ARG C 83 7.00 -2.55 -5.93
CA ARG C 83 5.98 -2.54 -6.98
C ARG C 83 5.36 -3.93 -7.13
N LEU C 84 6.13 -5.01 -6.92
CA LEU C 84 5.70 -6.41 -7.20
C LEU C 84 4.92 -6.98 -6.01
N GLU C 85 5.42 -6.69 -4.81
CA GLU C 85 4.91 -7.10 -3.50
C GLU C 85 3.38 -7.05 -3.36
N PRO C 86 2.67 -5.93 -3.66
CA PRO C 86 1.22 -5.87 -3.38
C PRO C 86 0.44 -7.01 -4.08
N ARG C 87 0.76 -7.34 -5.34
CA ARG C 87 0.07 -8.39 -6.14
C ARG C 87 0.77 -9.74 -5.95
N PHE C 88 2.03 -9.76 -5.50
CA PHE C 88 2.88 -10.97 -5.25
C PHE C 88 3.56 -10.79 -3.88
N PRO C 89 2.82 -11.01 -2.78
CA PRO C 89 3.35 -10.72 -1.45
C PRO C 89 4.58 -11.50 -1.03
N GLN C 90 5.01 -12.56 -1.69
CA GLN C 90 6.23 -13.25 -1.19
C GLN C 90 7.48 -12.67 -1.87
N ALA C 91 7.35 -11.53 -2.56
CA ALA C 91 8.52 -10.88 -3.19
C ALA C 91 9.33 -10.37 -2.02
N SER C 92 10.64 -10.59 -2.08
CA SER C 92 11.60 -10.21 -1.01
C SER C 92 12.87 -9.57 -1.64
N LYS C 93 13.63 -8.84 -0.85
CA LYS C 93 14.96 -8.38 -1.32
C LYS C 93 15.76 -9.61 -1.80
N THR C 94 15.64 -10.76 -1.12
CA THR C 94 16.39 -11.99 -1.47
C THR C 94 15.88 -12.54 -2.81
N SER C 95 14.60 -12.87 -2.87
CA SER C 95 14.01 -13.52 -4.08
C SER C 95 14.20 -12.62 -5.30
N ILE C 96 14.12 -11.29 -5.13
CA ILE C 96 14.37 -10.36 -6.28
C ILE C 96 15.86 -10.25 -6.55
N GLY C 97 16.68 -10.14 -5.50
CA GLY C 97 18.15 -10.36 -5.59
C GLY C 97 18.49 -11.51 -6.54
N HIS C 98 17.95 -12.67 -6.28
CA HIS C 98 18.24 -13.87 -7.07
C HIS C 98 17.81 -13.66 -8.56
N VAL C 99 16.63 -13.11 -8.86
CA VAL C 99 16.15 -12.86 -10.27
C VAL C 99 17.13 -11.95 -11.04
N VAL C 100 17.47 -10.82 -10.42
CA VAL C 100 18.52 -9.86 -10.89
C VAL C 100 19.80 -10.65 -11.22
N GLN C 101 20.36 -11.33 -10.23
CA GLN C 101 21.56 -12.18 -10.44
C GLN C 101 21.44 -12.98 -11.73
N LEU C 102 20.28 -13.54 -11.99
CA LEU C 102 20.04 -14.46 -13.12
C LEU C 102 20.33 -13.70 -14.43
N LEU C 103 19.95 -12.41 -14.40
CA LEU C 103 20.03 -11.45 -15.52
C LEU C 103 21.49 -11.03 -15.72
N TYR C 104 22.13 -10.79 -14.58
CA TYR C 104 23.57 -10.47 -14.44
C TYR C 104 24.40 -11.57 -15.10
N ARG C 105 24.07 -12.82 -14.73
CA ARG C 105 24.73 -14.10 -15.13
C ARG C 105 24.48 -14.38 -16.62
N ALA C 106 23.34 -13.94 -17.15
CA ALA C 106 22.99 -13.95 -18.59
C ALA C 106 23.71 -12.84 -19.38
N SER C 107 24.40 -11.92 -18.70
CA SER C 107 25.25 -10.87 -19.33
C SER C 107 24.32 -9.81 -19.93
N CYS C 108 23.19 -9.52 -19.27
CA CYS C 108 22.17 -8.54 -19.75
C CYS C 108 22.60 -7.12 -19.37
N PHE C 109 23.54 -7.03 -18.44
CA PHE C 109 23.93 -5.76 -17.80
C PHE C 109 25.30 -5.31 -18.35
N LYS C 110 25.38 -4.00 -18.47
CA LYS C 110 26.54 -3.17 -18.79
C LYS C 110 26.95 -2.63 -17.43
N VAL C 111 27.98 -3.23 -16.82
CA VAL C 111 28.39 -2.97 -15.42
C VAL C 111 29.45 -1.88 -15.46
N THR C 112 29.17 -0.78 -14.74
CA THR C 112 30.06 0.39 -14.53
C THR C 112 30.79 0.23 -13.21
N LYS C 113 32.09 -0.04 -13.31
CA LYS C 113 33.01 -0.12 -12.14
C LYS C 113 33.25 1.28 -11.58
N ARG C 114 33.27 1.39 -10.26
CA ARG C 114 33.53 2.69 -9.58
C ARG C 114 34.40 2.42 -8.37
N ASP C 115 35.55 3.08 -8.31
CA ASP C 115 36.50 2.95 -7.18
C ASP C 115 35.77 3.41 -5.91
N GLU C 116 35.74 2.58 -4.86
CA GLU C 116 35.16 2.86 -3.51
C GLU C 116 33.69 3.27 -3.56
N ASP C 117 32.90 2.67 -4.47
CA ASP C 117 31.41 2.82 -4.53
C ASP C 117 30.84 1.61 -5.30
N SER C 118 29.57 1.30 -5.07
CA SER C 118 28.83 0.19 -5.71
C SER C 118 28.89 0.32 -7.23
N SER C 119 28.99 -0.82 -7.91
CA SER C 119 28.82 -0.96 -9.36
C SER C 119 27.36 -0.69 -9.71
N LEU C 120 27.16 -0.19 -10.94
CA LEU C 120 25.86 0.26 -11.49
C LEU C 120 25.57 -0.61 -12.68
N MET C 121 24.29 -0.82 -12.93
CA MET C 121 23.86 -1.72 -13.99
C MET C 121 22.92 -0.95 -14.87
N GLN C 122 23.33 -0.75 -16.11
CA GLN C 122 22.50 -0.29 -17.24
C GLN C 122 22.08 -1.55 -18.02
N LEU C 123 20.84 -1.69 -18.47
CA LEU C 123 20.55 -2.75 -19.46
C LEU C 123 21.31 -2.41 -20.75
N LYS C 124 22.03 -3.42 -21.27
CA LYS C 124 22.58 -3.40 -22.65
C LYS C 124 21.46 -2.93 -23.57
N GLU C 125 21.86 -2.11 -24.53
CA GLU C 125 20.96 -1.41 -25.47
C GLU C 125 20.03 -2.47 -26.08
N GLU C 126 20.55 -3.65 -26.44
CA GLU C 126 19.77 -4.67 -27.21
C GLU C 126 18.90 -5.50 -26.27
N PHE C 127 18.96 -5.27 -24.95
CA PHE C 127 18.03 -5.99 -24.02
C PHE C 127 17.00 -5.06 -23.41
N ARG C 128 16.70 -3.92 -24.04
CA ARG C 128 15.78 -2.89 -23.49
C ARG C 128 14.35 -3.05 -23.99
N THR C 129 13.89 -4.27 -24.32
CA THR C 129 12.44 -4.54 -24.56
C THR C 129 12.12 -5.89 -23.95
N TYR C 130 10.85 -6.13 -23.63
CA TYR C 130 10.51 -7.32 -22.83
C TYR C 130 11.06 -8.56 -23.52
N GLU C 131 10.60 -8.80 -24.76
CA GLU C 131 10.87 -10.02 -25.58
C GLU C 131 12.37 -10.30 -25.59
N ALA C 132 13.23 -9.33 -25.94
CA ALA C 132 14.71 -9.46 -25.93
C ALA C 132 15.15 -10.01 -24.57
N LEU C 133 14.78 -9.29 -23.50
CA LEU C 133 15.26 -9.58 -22.14
C LEU C 133 14.78 -10.95 -21.70
N ARG C 134 13.51 -11.26 -21.93
CA ARG C 134 12.92 -12.59 -21.56
C ARG C 134 13.68 -13.72 -22.27
N ARG C 135 14.16 -13.46 -23.51
CA ARG C 135 14.87 -14.49 -24.31
CA ARG C 135 14.86 -14.52 -24.30
C ARG C 135 16.19 -14.83 -23.60
N GLU C 136 17.06 -13.83 -23.36
CA GLU C 136 18.35 -14.04 -22.62
C GLU C 136 18.06 -14.74 -21.27
N HIS C 137 16.99 -14.34 -20.58
CA HIS C 137 16.57 -14.89 -19.26
C HIS C 137 16.28 -16.38 -19.41
N ASP C 138 15.48 -16.75 -20.41
CA ASP C 138 15.11 -18.16 -20.74
C ASP C 138 16.38 -18.92 -21.10
N SER C 139 17.19 -18.40 -22.03
CA SER C 139 18.49 -19.01 -22.47
C SER C 139 19.37 -19.35 -21.25
N GLN C 140 19.56 -18.38 -20.35
CA GLN C 140 20.39 -18.58 -19.14
C GLN C 140 19.82 -19.74 -18.31
N ILE C 141 18.50 -19.89 -18.20
CA ILE C 141 17.94 -21.03 -17.40
C ILE C 141 18.23 -22.32 -18.17
N VAL C 142 18.17 -22.29 -19.50
CA VAL C 142 18.56 -23.42 -20.39
C VAL C 142 20.02 -23.79 -20.09
N GLN C 143 20.90 -22.80 -20.19
CA GLN C 143 22.36 -22.94 -19.96
C GLN C 143 22.61 -23.58 -18.59
N ILE C 144 21.80 -23.28 -17.57
CA ILE C 144 21.94 -23.87 -16.20
C ILE C 144 21.55 -25.36 -16.26
N ALA C 145 20.42 -25.71 -16.88
CA ALA C 145 20.01 -27.12 -17.12
C ALA C 145 21.16 -27.92 -17.73
N MET C 146 21.83 -27.36 -18.75
CA MET C 146 22.95 -28.01 -19.49
C MET C 146 24.14 -28.22 -18.55
N GLU C 147 24.48 -27.21 -17.73
CA GLU C 147 25.57 -27.26 -16.73
C GLU C 147 25.28 -28.37 -15.71
N ALA C 148 24.05 -28.46 -15.23
CA ALA C 148 23.65 -29.47 -14.22
C ALA C 148 23.47 -30.82 -14.90
N GLY C 149 23.67 -30.89 -16.23
CA GLY C 149 23.52 -32.13 -17.00
C GLY C 149 22.10 -32.65 -16.88
N LEU C 150 21.14 -31.78 -17.15
CA LEU C 150 19.69 -32.11 -17.27
C LEU C 150 19.29 -31.98 -18.73
N ARG C 151 18.89 -33.11 -19.33
CA ARG C 151 18.07 -33.17 -20.57
C ARG C 151 16.60 -32.93 -20.16
N ILE C 152 16.09 -31.73 -20.39
CA ILE C 152 14.63 -31.41 -20.32
C ILE C 152 14.16 -31.14 -21.75
N ALA C 153 12.98 -31.68 -22.10
CA ALA C 153 12.35 -31.59 -23.44
C ALA C 153 11.63 -30.24 -23.60
N PRO C 154 11.46 -29.71 -24.84
CA PRO C 154 10.85 -28.38 -25.04
C PRO C 154 9.38 -28.27 -24.59
N ASP C 155 8.69 -29.40 -24.43
CA ASP C 155 7.30 -29.46 -23.91
C ASP C 155 7.34 -28.96 -22.46
N GLN C 156 8.26 -29.53 -21.68
CA GLN C 156 8.44 -29.33 -20.22
C GLN C 156 8.98 -27.91 -19.95
N TRP C 157 9.96 -27.46 -20.76
CA TRP C 157 10.50 -26.08 -20.70
C TRP C 157 9.34 -25.08 -20.83
N SER C 158 8.45 -25.27 -21.82
CA SER C 158 7.22 -24.46 -21.97
C SER C 158 6.40 -24.48 -20.65
N SER C 159 6.21 -25.66 -20.05
CA SER C 159 5.42 -25.78 -18.78
C SER C 159 6.16 -25.04 -17.66
N LEU C 160 7.46 -25.29 -17.54
CA LEU C 160 8.28 -24.81 -16.40
C LEU C 160 8.33 -23.27 -16.45
N LEU C 161 8.68 -22.70 -17.60
CA LEU C 161 9.01 -21.25 -17.75
C LEU C 161 7.78 -20.41 -18.09
N TYR C 162 6.65 -21.00 -18.53
CA TYR C 162 5.40 -20.29 -18.93
C TYR C 162 4.10 -20.96 -18.44
N GLY C 163 4.17 -22.19 -17.94
CA GLY C 163 2.99 -22.87 -17.36
C GLY C 163 1.95 -23.14 -18.42
N ASP C 164 2.40 -23.38 -19.65
CA ASP C 164 1.52 -23.72 -20.78
C ASP C 164 2.35 -24.54 -21.80
N GLN C 165 1.77 -24.78 -22.99
CA GLN C 165 2.34 -25.58 -24.09
C GLN C 165 2.64 -24.68 -25.31
N SER C 166 2.41 -23.36 -25.20
CA SER C 166 2.42 -22.35 -26.29
C SER C 166 3.83 -21.81 -26.61
N HIS C 167 4.85 -22.24 -25.88
CA HIS C 167 6.21 -21.64 -25.97
C HIS C 167 7.24 -22.71 -26.34
N LYS C 168 6.84 -23.81 -26.99
CA LYS C 168 7.72 -24.95 -27.33
C LYS C 168 8.75 -24.49 -28.35
N SER C 169 8.31 -23.86 -29.44
CA SER C 169 9.16 -23.48 -30.61
C SER C 169 10.17 -22.46 -30.12
N HIS C 170 9.71 -21.60 -29.20
CA HIS C 170 10.50 -20.53 -28.52
C HIS C 170 11.71 -21.17 -27.82
N MET C 171 11.43 -22.17 -26.99
CA MET C 171 12.46 -22.88 -26.20
C MET C 171 13.47 -23.56 -27.14
N GLN C 172 12.97 -24.24 -28.19
CA GLN C 172 13.77 -24.87 -29.26
C GLN C 172 14.72 -23.82 -29.85
N SER C 173 14.24 -22.56 -30.28
CA SER C 173 15.05 -21.47 -30.89
C SER C 173 16.27 -21.12 -29.98
N ILE C 174 16.18 -21.35 -28.61
CA ILE C 174 17.22 -21.19 -27.56
C ILE C 174 18.01 -22.47 -27.21
N ILE C 175 17.40 -23.65 -27.16
CA ILE C 175 18.19 -24.92 -27.01
C ILE C 175 19.09 -25.05 -28.24
N ASP C 176 18.55 -24.72 -29.42
CA ASP C 176 19.28 -24.74 -30.72
C ASP C 176 20.40 -23.71 -30.70
N LYS C 177 20.10 -22.46 -30.30
CA LYS C 177 21.03 -21.31 -30.45
C LYS C 177 22.10 -21.36 -29.34
N LEU C 178 22.12 -22.38 -28.48
CA LEU C 178 23.25 -22.69 -27.54
C LEU C 178 23.84 -24.06 -27.91
N GLN C 179 23.94 -24.33 -29.21
CA GLN C 179 24.26 -25.68 -29.76
C GLN C 179 24.62 -25.53 -31.25
N ASN E 29 1.94 39.95 8.82
CA ASN E 29 1.13 38.88 9.50
C ASN E 29 1.72 37.53 9.10
N PRO E 30 1.78 36.52 10.00
CA PRO E 30 2.10 35.15 9.60
C PRO E 30 1.27 34.54 8.44
N GLN E 31 -0.06 34.65 8.49
CA GLN E 31 -1.01 33.98 7.56
C GLN E 31 -0.86 34.50 6.11
N GLN E 32 -0.33 35.71 5.92
CA GLN E 32 -0.03 36.27 4.55
C GLN E 32 1.26 35.62 4.01
N LEU E 33 2.43 35.86 4.64
CA LEU E 33 3.78 35.52 4.11
C LEU E 33 3.94 34.01 3.96
N SER E 34 3.14 33.22 4.70
CA SER E 34 3.06 31.73 4.60
C SER E 34 2.50 31.32 3.24
N SER E 35 1.23 31.66 2.97
CA SER E 35 0.52 31.51 1.67
C SER E 35 1.36 32.01 0.47
N ASN E 36 2.05 33.14 0.62
CA ASN E 36 2.93 33.80 -0.41
C ASN E 36 4.21 33.02 -0.69
N LEU E 37 4.86 32.46 0.35
CA LEU E 37 6.10 31.66 0.22
C LEU E 37 5.78 30.53 -0.76
N TRP E 38 4.78 29.73 -0.40
CA TRP E 38 4.41 28.47 -1.09
C TRP E 38 3.95 28.75 -2.54
N ALA E 39 3.38 29.94 -2.76
CA ALA E 39 2.99 30.43 -4.09
C ALA E 39 4.24 30.65 -4.94
N ALA E 40 5.25 31.27 -4.36
CA ALA E 40 6.52 31.63 -5.03
C ALA E 40 7.29 30.35 -5.32
N VAL E 41 7.33 29.43 -4.36
CA VAL E 41 7.93 28.08 -4.55
C VAL E 41 7.26 27.46 -5.77
N ARG E 42 5.94 27.29 -5.72
CA ARG E 42 5.14 26.52 -6.72
C ARG E 42 5.24 27.24 -8.07
N ALA E 43 5.39 28.56 -8.05
CA ALA E 43 5.62 29.36 -9.28
C ALA E 43 6.92 28.94 -9.99
N ARG E 44 7.89 28.38 -9.28
CA ARG E 44 9.19 27.94 -9.85
C ARG E 44 9.16 26.42 -10.05
N GLY E 45 7.97 25.88 -10.32
CA GLY E 45 7.71 24.45 -10.61
C GLY E 45 8.22 23.54 -9.50
N CYS E 46 8.28 24.08 -8.28
CA CYS E 46 8.76 23.43 -7.03
C CYS E 46 7.57 23.11 -6.11
N GLN E 47 7.79 22.34 -5.04
CA GLN E 47 6.73 21.97 -4.07
C GLN E 47 7.35 21.71 -2.70
N PHE E 48 6.68 22.09 -1.63
CA PHE E 48 7.00 21.58 -0.28
C PHE E 48 5.71 21.00 0.25
N LEU E 49 5.83 19.79 0.76
CA LEU E 49 4.66 18.92 0.97
C LEU E 49 4.29 18.90 2.43
N GLY E 50 4.82 19.81 3.23
CA GLY E 50 4.60 19.74 4.67
C GLY E 50 5.74 19.00 5.35
N PRO E 51 6.01 19.33 6.62
CA PRO E 51 7.26 18.95 7.26
C PRO E 51 7.42 17.44 7.27
N ALA E 52 6.35 16.67 7.45
CA ALA E 52 6.48 15.21 7.63
C ALA E 52 6.64 14.53 6.26
N MET E 53 5.94 15.00 5.26
CA MET E 53 5.91 14.30 3.95
C MET E 53 7.18 14.69 3.22
N GLN E 54 7.59 15.96 3.36
CA GLN E 54 8.84 16.47 2.74
C GLN E 54 10.01 15.65 3.29
N GLU E 55 10.03 15.39 4.59
CA GLU E 55 11.14 14.63 5.23
C GLU E 55 11.26 13.28 4.53
N GLU E 56 10.14 12.56 4.42
CA GLU E 56 10.12 11.18 3.81
C GLU E 56 10.38 11.23 2.30
N ALA E 57 9.87 12.24 1.58
CA ALA E 57 10.28 12.46 0.16
C ALA E 57 11.80 12.58 0.09
N LEU E 58 12.41 13.40 0.94
CA LEU E 58 13.90 13.59 0.92
C LEU E 58 14.59 12.27 1.27
N LYS E 59 14.13 11.60 2.30
CA LYS E 59 14.77 10.33 2.72
C LYS E 59 14.73 9.32 1.57
N LEU E 60 13.64 9.24 0.81
CA LEU E 60 13.52 8.26 -0.27
C LEU E 60 14.41 8.66 -1.47
N VAL E 61 14.54 9.97 -1.77
CA VAL E 61 15.50 10.44 -2.83
C VAL E 61 16.85 9.86 -2.44
N LEU E 62 17.26 10.04 -1.19
CA LEU E 62 18.54 9.51 -0.63
C LEU E 62 18.61 8.00 -0.74
N LEU E 63 17.57 7.33 -0.28
CA LEU E 63 17.48 5.85 -0.42
C LEU E 63 17.86 5.47 -1.87
N ALA E 64 17.47 6.25 -2.89
CA ALA E 64 17.67 5.79 -4.30
C ALA E 64 19.03 6.29 -4.82
N LEU E 65 19.42 7.50 -4.41
CA LEU E 65 20.63 8.20 -4.96
C LEU E 65 21.81 8.23 -3.96
N GLU E 66 21.66 7.84 -2.68
CA GLU E 66 22.80 7.94 -1.70
C GLU E 66 24.02 7.14 -2.15
N ASP E 67 23.84 6.05 -2.90
CA ASP E 67 24.94 5.12 -3.27
C ASP E 67 25.59 5.54 -4.61
N GLY E 68 25.19 6.67 -5.20
CA GLY E 68 25.70 7.10 -6.52
C GLY E 68 25.03 6.42 -7.73
N SER E 69 23.86 5.81 -7.55
CA SER E 69 22.88 5.45 -8.62
C SER E 69 22.49 6.69 -9.44
N ALA E 70 22.35 6.52 -10.75
CA ALA E 70 22.10 7.63 -11.72
C ALA E 70 20.76 7.30 -12.41
N LEU E 71 19.70 7.95 -11.91
CA LEU E 71 18.28 7.73 -12.26
C LEU E 71 17.77 8.93 -13.05
N SER E 72 17.01 8.65 -14.12
CA SER E 72 16.18 9.62 -14.86
C SER E 72 15.17 10.25 -13.89
N ARG E 73 14.65 11.40 -14.22
CA ARG E 73 13.47 11.96 -13.49
C ARG E 73 12.35 10.92 -13.34
N LYS E 74 12.04 10.20 -14.40
CA LYS E 74 10.85 9.32 -14.46
C LYS E 74 11.09 8.20 -13.43
N VAL E 75 12.31 7.66 -13.33
CA VAL E 75 12.62 6.50 -12.43
C VAL E 75 12.85 7.00 -10.98
N LEU E 76 13.46 8.14 -10.78
CA LEU E 76 13.46 8.79 -9.45
C LEU E 76 12.03 9.09 -8.95
N VAL E 77 11.18 9.71 -9.76
CA VAL E 77 9.73 9.94 -9.44
C VAL E 77 9.01 8.61 -9.12
N LEU E 78 9.05 7.61 -10.00
CA LEU E 78 8.38 6.29 -9.72
C LEU E 78 8.84 5.71 -8.38
N PHE E 79 10.15 5.79 -8.17
CA PHE E 79 10.78 5.09 -7.03
C PHE E 79 10.21 5.69 -5.73
N VAL E 80 10.20 7.02 -5.66
CA VAL E 80 9.83 7.79 -4.44
C VAL E 80 8.31 7.77 -4.26
N VAL E 81 7.55 7.95 -5.36
CA VAL E 81 6.07 7.93 -5.36
C VAL E 81 5.60 6.59 -4.85
N GLN E 82 6.09 5.46 -5.36
CA GLN E 82 5.57 4.12 -4.95
C GLN E 82 5.87 3.85 -3.47
N ARG E 83 6.93 4.42 -2.92
CA ARG E 83 7.41 4.13 -1.54
CA ARG E 83 7.40 4.13 -1.54
C ARG E 83 6.74 5.11 -0.56
N LEU E 84 6.23 6.24 -1.06
CA LEU E 84 5.63 7.35 -0.28
C LEU E 84 4.12 7.17 -0.11
N GLU E 85 3.43 6.62 -1.12
CA GLU E 85 1.95 6.52 -1.21
C GLU E 85 1.40 5.80 0.01
N PRO E 86 1.96 4.64 0.40
CA PRO E 86 1.39 3.86 1.50
C PRO E 86 1.19 4.68 2.78
N ARG E 87 2.11 5.60 3.13
CA ARG E 87 1.95 6.48 4.32
C ARG E 87 1.39 7.83 3.88
N PHE E 88 1.61 8.24 2.64
CA PHE E 88 1.19 9.60 2.21
C PHE E 88 0.44 9.54 0.90
N PRO E 89 -0.86 9.14 0.97
CA PRO E 89 -1.61 8.75 -0.23
C PRO E 89 -1.91 9.87 -1.24
N GLN E 90 -1.70 11.15 -0.85
CA GLN E 90 -1.78 12.35 -1.73
C GLN E 90 -0.58 12.46 -2.69
N ALA E 91 0.47 11.65 -2.53
CA ALA E 91 1.73 11.71 -3.31
C ALA E 91 1.43 11.34 -4.78
N SER E 92 2.06 12.03 -5.73
CA SER E 92 1.74 11.89 -7.17
C SER E 92 2.99 12.18 -8.00
N LYS E 93 3.00 11.84 -9.30
CA LYS E 93 4.16 12.09 -10.20
C LYS E 93 4.45 13.58 -10.21
N THR E 94 3.39 14.41 -10.25
CA THR E 94 3.42 15.90 -10.21
C THR E 94 4.02 16.42 -8.89
N SER E 95 3.46 16.06 -7.73
CA SER E 95 3.95 16.60 -6.43
C SER E 95 5.39 16.14 -6.23
N ILE E 96 5.69 14.86 -6.54
CA ILE E 96 7.09 14.37 -6.34
C ILE E 96 7.93 14.91 -7.49
N GLY E 97 7.38 15.11 -8.69
CA GLY E 97 8.15 15.75 -9.77
C GLY E 97 8.61 17.14 -9.31
N HIS E 98 7.68 17.90 -8.74
CA HIS E 98 7.94 19.25 -8.18
C HIS E 98 9.00 19.15 -7.05
N VAL E 99 9.07 18.09 -6.24
CA VAL E 99 10.05 18.09 -5.10
C VAL E 99 11.44 17.82 -5.67
N VAL E 100 11.53 16.94 -6.66
CA VAL E 100 12.79 16.75 -7.43
C VAL E 100 13.23 18.10 -7.99
N GLN E 101 12.39 18.73 -8.81
CA GLN E 101 12.71 20.02 -9.44
C GLN E 101 13.28 20.96 -8.40
N LEU E 102 12.76 20.95 -7.17
CA LEU E 102 13.29 21.82 -6.09
C LEU E 102 14.77 21.49 -5.86
N LEU E 103 15.11 20.20 -5.78
CA LEU E 103 16.50 19.73 -5.57
C LEU E 103 17.38 20.02 -6.79
N TYR E 104 16.79 20.02 -8.01
CA TYR E 104 17.49 20.23 -9.29
C TYR E 104 17.97 21.68 -9.35
N ARG E 105 17.07 22.58 -8.98
CA ARG E 105 17.22 24.07 -8.99
C ARG E 105 18.16 24.49 -7.86
N ALA E 106 18.31 23.63 -6.85
CA ALA E 106 19.20 23.77 -5.67
C ALA E 106 20.59 23.24 -5.99
N SER E 107 20.82 22.84 -7.24
CA SER E 107 22.11 22.35 -7.77
C SER E 107 22.60 21.12 -6.99
N CYS E 108 21.70 20.22 -6.60
CA CYS E 108 22.04 19.01 -5.82
C CYS E 108 22.37 17.81 -6.69
N PHE E 109 21.93 17.79 -7.94
CA PHE E 109 22.25 16.67 -8.85
C PHE E 109 23.41 17.03 -9.77
N LYS E 110 24.34 16.11 -9.88
CA LYS E 110 25.18 16.01 -11.10
C LYS E 110 24.28 15.45 -12.19
N VAL E 111 24.18 16.17 -13.30
CA VAL E 111 23.29 15.82 -14.43
C VAL E 111 24.12 15.34 -15.59
N THR E 112 23.89 14.11 -16.02
CA THR E 112 24.61 13.53 -17.17
C THR E 112 23.71 13.63 -18.42
N LYS E 113 23.80 14.75 -19.14
CA LYS E 113 23.15 14.90 -20.47
CA LYS E 113 23.18 14.91 -20.48
C LYS E 113 23.60 13.70 -21.32
N ARG E 114 22.67 13.13 -22.07
CA ARG E 114 22.98 12.13 -23.12
C ARG E 114 22.32 12.60 -24.43
N ASP E 115 22.52 11.83 -25.49
CA ASP E 115 22.16 12.24 -26.88
C ASP E 115 20.91 11.45 -27.30
N GLU E 116 19.77 12.13 -27.31
CA GLU E 116 18.44 11.58 -27.70
C GLU E 116 17.98 10.54 -26.67
N ASP E 117 18.41 10.71 -25.42
CA ASP E 117 17.96 9.91 -24.24
C ASP E 117 17.74 10.90 -23.07
N SER E 118 16.99 10.47 -22.06
CA SER E 118 16.78 11.22 -20.79
C SER E 118 18.11 11.49 -20.09
N SER E 119 18.32 12.71 -19.62
CA SER E 119 19.40 13.03 -18.66
C SER E 119 19.35 12.07 -17.45
N LEU E 120 20.51 11.61 -16.97
CA LEU E 120 20.65 10.77 -15.73
C LEU E 120 21.11 11.65 -14.57
N MET E 121 20.55 11.45 -13.40
CA MET E 121 20.88 12.34 -12.27
C MET E 121 21.40 11.56 -11.08
N GLN E 122 22.59 11.92 -10.61
CA GLN E 122 23.19 11.39 -9.36
C GLN E 122 23.10 12.48 -8.30
N LEU E 123 22.88 12.18 -7.04
CA LEU E 123 23.17 13.20 -5.98
C LEU E 123 24.64 13.60 -6.16
N LYS E 124 24.97 14.88 -6.09
CA LYS E 124 26.40 15.31 -5.99
C LYS E 124 27.00 14.58 -4.79
N GLU E 125 28.29 14.27 -4.86
CA GLU E 125 29.06 13.63 -3.75
C GLU E 125 28.84 14.33 -2.41
N GLU E 126 28.76 15.66 -2.34
CA GLU E 126 28.76 16.37 -1.02
C GLU E 126 27.34 16.36 -0.42
N PHE E 127 26.35 15.88 -1.15
CA PHE E 127 24.95 15.93 -0.64
C PHE E 127 24.38 14.52 -0.44
N ARG E 128 25.20 13.50 -0.22
CA ARG E 128 24.72 12.10 -0.06
C ARG E 128 24.35 11.71 1.38
N THR E 129 24.36 12.64 2.35
CA THR E 129 23.79 12.44 3.71
C THR E 129 22.48 13.25 3.80
N TYR E 130 21.53 12.84 4.65
CA TYR E 130 20.25 13.58 4.82
C TYR E 130 20.55 15.02 5.24
N GLU E 131 21.48 15.18 6.20
CA GLU E 131 21.85 16.49 6.79
C GLU E 131 22.28 17.41 5.64
N ALA E 132 23.23 17.02 4.81
CA ALA E 132 23.74 17.90 3.73
C ALA E 132 22.61 18.19 2.73
N LEU E 133 21.85 17.17 2.33
CA LEU E 133 20.78 17.36 1.33
C LEU E 133 19.68 18.26 1.90
N ARG E 134 19.21 17.98 3.12
CA ARG E 134 18.22 18.84 3.81
C ARG E 134 18.73 20.27 3.86
N ARG E 135 20.05 20.47 3.99
CA ARG E 135 20.54 21.86 4.15
C ARG E 135 20.33 22.58 2.82
N GLU E 136 20.87 22.02 1.74
CA GLU E 136 20.66 22.56 0.37
C GLU E 136 19.17 22.84 0.11
N HIS E 137 18.29 21.90 0.44
CA HIS E 137 16.81 22.03 0.28
C HIS E 137 16.29 23.28 1.01
N ASP E 138 16.60 23.42 2.30
CA ASP E 138 16.05 24.50 3.17
C ASP E 138 16.57 25.84 2.62
N SER E 139 17.87 25.91 2.36
CA SER E 139 18.55 27.07 1.72
C SER E 139 17.83 27.47 0.43
N GLN E 140 17.61 26.52 -0.48
CA GLN E 140 16.95 26.80 -1.78
C GLN E 140 15.62 27.49 -1.47
N ILE E 141 14.84 27.01 -0.52
CA ILE E 141 13.50 27.61 -0.21
C ILE E 141 13.74 29.02 0.33
N VAL E 142 14.81 29.21 1.09
CA VAL E 142 15.17 30.56 1.59
C VAL E 142 15.51 31.44 0.39
N GLN E 143 16.27 30.95 -0.59
CA GLN E 143 16.60 31.78 -1.77
C GLN E 143 15.29 32.21 -2.46
N ILE E 144 14.31 31.33 -2.52
CA ILE E 144 13.02 31.58 -3.25
C ILE E 144 12.29 32.72 -2.52
N ALA E 145 12.27 32.67 -1.18
CA ALA E 145 11.80 33.76 -0.29
C ALA E 145 12.52 35.07 -0.62
N MET E 146 13.84 35.03 -0.73
CA MET E 146 14.63 36.24 -1.07
C MET E 146 14.18 36.75 -2.45
N GLU E 147 14.20 35.91 -3.50
CA GLU E 147 13.81 36.31 -4.88
C GLU E 147 12.46 37.03 -4.90
N ALA E 148 11.52 36.63 -4.04
CA ALA E 148 10.15 37.19 -3.97
C ALA E 148 10.09 38.35 -2.96
N GLY E 149 11.22 38.71 -2.32
CA GLY E 149 11.33 39.77 -1.31
C GLY E 149 10.46 39.49 -0.09
N LEU E 150 10.18 38.23 0.21
CA LEU E 150 9.58 37.82 1.52
C LEU E 150 10.67 37.94 2.61
N ARG E 151 10.35 38.62 3.72
CA ARG E 151 11.22 38.81 4.92
C ARG E 151 10.71 37.86 6.03
N ILE E 152 11.43 36.76 6.29
CA ILE E 152 10.97 35.64 7.18
C ILE E 152 12.04 35.36 8.26
N ALA E 153 11.62 35.42 9.53
CA ALA E 153 12.49 35.33 10.72
C ALA E 153 12.79 33.87 10.96
N PRO E 154 13.90 33.53 11.63
CA PRO E 154 14.26 32.13 11.84
C PRO E 154 13.21 31.30 12.61
N ASP E 155 12.32 31.95 13.37
CA ASP E 155 11.37 31.23 14.27
C ASP E 155 10.23 30.72 13.39
N GLN E 156 9.76 31.56 12.46
CA GLN E 156 8.77 31.19 11.42
C GLN E 156 9.40 30.15 10.51
N TRP E 157 10.65 30.34 10.09
CA TRP E 157 11.33 29.35 9.24
C TRP E 157 11.25 27.98 9.93
N SER E 158 11.38 27.91 11.25
CA SER E 158 11.38 26.60 11.97
C SER E 158 9.96 26.03 11.91
N SER E 159 8.95 26.86 12.11
CA SER E 159 7.54 26.43 12.14
C SER E 159 7.09 25.96 10.74
N LEU E 160 7.53 26.66 9.70
CA LEU E 160 7.14 26.42 8.27
C LEU E 160 7.76 25.13 7.74
N LEU E 161 9.08 25.00 7.84
CA LEU E 161 9.81 23.84 7.25
C LEU E 161 9.69 22.62 8.17
N TYR E 162 9.51 22.80 9.49
CA TYR E 162 9.70 21.74 10.52
C TYR E 162 8.45 21.49 11.39
N GLY E 163 7.48 22.41 11.46
CA GLY E 163 6.34 22.31 12.38
C GLY E 163 6.72 22.39 13.87
N ASP E 164 7.85 23.04 14.19
CA ASP E 164 8.34 23.22 15.58
C ASP E 164 9.35 24.37 15.66
N GLN E 165 9.78 24.67 16.89
CA GLN E 165 10.63 25.83 17.22
C GLN E 165 12.06 25.36 17.47
N SER E 166 12.35 24.12 17.04
CA SER E 166 13.57 23.37 17.42
C SER E 166 14.55 23.32 16.25
N HIS E 167 14.39 24.21 15.27
CA HIS E 167 15.26 24.31 14.05
C HIS E 167 15.58 25.77 13.70
N LYS E 168 15.43 26.68 14.65
CA LYS E 168 15.80 28.10 14.47
C LYS E 168 17.31 28.25 14.21
N SER E 169 18.18 27.44 14.83
CA SER E 169 19.66 27.62 14.74
C SER E 169 20.11 27.15 13.36
N HIS E 170 19.66 25.97 12.98
CA HIS E 170 19.73 25.48 11.58
C HIS E 170 19.27 26.59 10.63
N MET E 171 18.09 27.17 10.85
CA MET E 171 17.55 28.19 9.91
C MET E 171 18.41 29.47 9.94
N GLN E 172 18.91 29.89 11.10
CA GLN E 172 19.73 31.13 11.25
C GLN E 172 21.03 30.95 10.49
N SER E 173 21.65 29.79 10.72
CA SER E 173 22.88 29.32 10.04
C SER E 173 22.70 29.33 8.53
N ILE E 174 21.52 28.94 8.05
CA ILE E 174 21.20 28.94 6.59
C ILE E 174 21.11 30.37 6.13
N ILE E 175 20.38 31.21 6.89
CA ILE E 175 20.15 32.65 6.57
C ILE E 175 21.52 33.35 6.50
N ASP E 176 22.47 32.97 7.37
CA ASP E 176 23.78 33.65 7.48
C ASP E 176 24.64 33.32 6.27
N LYS E 177 24.68 32.05 5.87
CA LYS E 177 25.59 31.63 4.77
CA LYS E 177 25.55 31.57 4.76
C LYS E 177 24.97 32.05 3.42
N LEU E 178 23.73 32.53 3.42
CA LEU E 178 23.18 33.31 2.27
C LEU E 178 23.59 34.78 2.42
N GLN E 179 23.67 35.28 3.66
CA GLN E 179 23.92 36.72 3.94
C GLN E 179 25.44 36.97 4.00
N GLN G 31 -30.56 26.85 28.73
CA GLN G 31 -30.73 25.67 27.81
C GLN G 31 -30.81 26.10 26.35
N GLN G 32 -30.29 27.26 26.00
CA GLN G 32 -30.47 27.85 24.64
C GLN G 32 -29.16 27.72 23.86
N LEU G 33 -28.02 27.81 24.54
CA LEU G 33 -26.71 27.57 23.88
C LEU G 33 -26.62 26.10 23.48
N SER G 34 -27.01 25.20 24.40
CA SER G 34 -27.06 23.74 24.15
C SER G 34 -27.78 23.35 22.84
N SER G 35 -29.09 23.60 22.73
CA SER G 35 -29.90 23.32 21.52
C SER G 35 -29.33 24.15 20.36
N ASN G 36 -28.84 25.37 20.64
CA ASN G 36 -28.17 26.28 19.64
C ASN G 36 -26.83 25.69 19.18
N LEU G 37 -26.04 25.11 20.08
CA LEU G 37 -24.75 24.45 19.74
C LEU G 37 -25.06 23.26 18.82
N TRP G 38 -25.79 22.29 19.35
CA TRP G 38 -26.25 21.09 18.61
C TRP G 38 -26.84 21.49 17.26
N ALA G 39 -27.62 22.56 17.21
CA ALA G 39 -28.22 23.07 15.95
C ALA G 39 -27.09 23.44 14.98
N ALA G 40 -26.02 24.07 15.48
CA ALA G 40 -24.86 24.53 14.66
C ALA G 40 -24.03 23.33 14.19
N VAL G 41 -23.93 22.30 15.04
CA VAL G 41 -23.18 21.05 14.73
C VAL G 41 -23.86 20.38 13.54
N ARG G 42 -25.19 20.22 13.64
CA ARG G 42 -26.05 19.57 12.62
C ARG G 42 -26.05 20.45 11.38
N ALA G 43 -26.04 21.78 11.58
CA ALA G 43 -26.04 22.77 10.48
C ALA G 43 -24.86 22.49 9.55
N ARG G 44 -23.80 21.89 10.08
CA ARG G 44 -22.54 21.52 9.35
C ARG G 44 -22.55 20.05 8.90
N GLY G 45 -23.70 19.38 8.97
CA GLY G 45 -23.85 17.94 8.64
C GLY G 45 -23.06 17.06 9.59
N CYS G 46 -22.74 17.57 10.79
CA CYS G 46 -22.08 16.81 11.89
C CYS G 46 -23.16 16.45 12.90
N GLN G 47 -22.83 15.60 13.86
CA GLN G 47 -23.77 15.06 14.88
C GLN G 47 -22.99 14.82 16.18
N PHE G 48 -23.58 15.07 17.34
CA PHE G 48 -23.17 14.59 18.68
C PHE G 48 -24.35 13.83 19.29
N LEU G 49 -24.19 12.57 19.73
CA LEU G 49 -25.32 11.60 19.95
C LEU G 49 -25.59 11.36 21.42
N GLY G 50 -24.88 12.07 22.30
CA GLY G 50 -24.95 11.90 23.76
C GLY G 50 -23.59 11.49 24.32
N PRO G 51 -23.35 11.72 25.63
CA PRO G 51 -22.16 11.19 26.29
C PRO G 51 -21.92 9.70 26.00
N ALA G 52 -22.91 8.86 26.31
CA ALA G 52 -22.84 7.40 26.22
C ALA G 52 -22.67 6.99 24.75
N MET G 53 -23.57 7.47 23.89
CA MET G 53 -23.60 7.04 22.48
C MET G 53 -22.39 7.64 21.72
N GLN G 54 -22.04 8.92 21.89
CA GLN G 54 -20.85 9.50 21.21
C GLN G 54 -19.60 8.65 21.52
N GLU G 55 -19.32 8.34 22.80
CA GLU G 55 -18.03 7.74 23.18
C GLU G 55 -17.92 6.36 22.54
N GLU G 56 -19.00 5.59 22.62
CA GLU G 56 -19.15 4.25 22.04
C GLU G 56 -18.91 4.35 20.52
N ALA G 57 -19.46 5.37 19.86
CA ALA G 57 -19.30 5.58 18.42
C ALA G 57 -17.82 5.78 18.10
N LEU G 58 -17.13 6.56 18.93
CA LEU G 58 -15.74 6.98 18.66
C LEU G 58 -14.90 5.74 18.83
N LYS G 59 -15.22 4.91 19.81
CA LYS G 59 -14.36 3.75 20.15
C LYS G 59 -14.53 2.68 19.07
N LEU G 60 -15.72 2.62 18.44
CA LEU G 60 -16.03 1.69 17.32
C LEU G 60 -15.34 2.19 16.05
N VAL G 61 -15.38 3.49 15.77
CA VAL G 61 -14.52 4.10 14.72
C VAL G 61 -13.07 3.65 14.96
N LEU G 62 -12.53 3.72 16.20
CA LEU G 62 -11.11 3.32 16.47
C LEU G 62 -10.88 1.82 16.25
N LEU G 63 -11.86 0.99 16.65
CA LEU G 63 -11.82 -0.47 16.43
C LEU G 63 -11.57 -0.78 14.94
N ALA G 64 -12.15 -0.02 14.02
CA ALA G 64 -12.00 -0.21 12.56
C ALA G 64 -10.71 0.43 12.06
N LEU G 65 -10.21 1.48 12.73
CA LEU G 65 -9.18 2.38 12.14
C LEU G 65 -7.90 2.47 12.98
N GLU G 66 -7.88 2.08 14.24
CA GLU G 66 -6.67 2.36 15.06
C GLU G 66 -5.47 1.65 14.41
N ASP G 67 -5.68 0.60 13.58
CA ASP G 67 -4.63 -0.36 13.14
C ASP G 67 -4.06 0.07 11.80
N GLY G 68 -4.53 1.20 11.28
CA GLY G 68 -4.06 1.81 10.01
C GLY G 68 -4.97 1.53 8.81
N SER G 69 -6.02 0.69 8.96
CA SER G 69 -7.03 0.36 7.92
C SER G 69 -7.71 1.61 7.34
N ALA G 70 -8.18 1.50 6.09
CA ALA G 70 -8.69 2.59 5.23
C ALA G 70 -10.04 2.15 4.69
N LEU G 71 -11.08 2.58 5.37
CA LEU G 71 -12.46 2.18 4.98
C LEU G 71 -13.09 3.31 4.18
N SER G 72 -13.90 2.99 3.17
CA SER G 72 -14.83 3.99 2.57
C SER G 72 -15.70 4.50 3.70
N ARG G 73 -16.36 5.66 3.58
CA ARG G 73 -17.48 6.13 4.45
C ARG G 73 -18.51 5.00 4.61
N LYS G 74 -18.89 4.41 3.49
CA LYS G 74 -19.95 3.38 3.40
C LYS G 74 -19.59 2.19 4.30
N VAL G 75 -18.34 1.72 4.26
CA VAL G 75 -17.92 0.46 4.96
C VAL G 75 -17.68 0.81 6.44
N LEU G 76 -17.15 2.00 6.70
CA LEU G 76 -16.96 2.48 8.08
C LEU G 76 -18.30 2.66 8.76
N VAL G 77 -19.30 3.16 8.02
CA VAL G 77 -20.63 3.46 8.57
C VAL G 77 -21.33 2.13 8.85
N LEU G 78 -21.29 1.18 7.91
CA LEU G 78 -21.85 -0.18 8.07
C LEU G 78 -21.21 -0.86 9.29
N PHE G 79 -19.88 -0.78 9.41
CA PHE G 79 -19.11 -1.43 10.50
C PHE G 79 -19.70 -0.94 11.84
N VAL G 80 -19.80 0.39 11.99
CA VAL G 80 -20.13 1.06 13.29
C VAL G 80 -21.63 0.95 13.62
N VAL G 81 -22.50 1.26 12.67
CA VAL G 81 -23.95 1.09 12.88
C VAL G 81 -24.25 -0.33 13.40
N GLN G 82 -23.69 -1.37 12.78
CA GLN G 82 -24.10 -2.75 13.10
C GLN G 82 -23.67 -3.14 14.49
N ARG G 83 -22.58 -2.58 14.97
CA ARG G 83 -22.01 -2.89 16.31
CA ARG G 83 -22.03 -2.91 16.32
C ARG G 83 -22.69 -2.03 17.40
N LEU G 84 -23.27 -0.90 17.01
CA LEU G 84 -23.77 0.11 17.98
C LEU G 84 -25.29 0.00 18.17
N GLU G 85 -26.00 -0.28 17.07
CA GLU G 85 -27.48 -0.44 16.92
C GLU G 85 -28.07 -1.22 18.10
N PRO G 86 -27.52 -2.39 18.47
CA PRO G 86 -28.19 -3.26 19.44
C PRO G 86 -28.47 -2.61 20.81
N ARG G 87 -27.49 -1.87 21.37
CA ARG G 87 -27.60 -1.21 22.69
C ARG G 87 -27.98 0.26 22.55
N PHE G 88 -27.92 0.82 21.33
CA PHE G 88 -28.39 2.19 20.97
C PHE G 88 -29.16 2.16 19.66
N PRO G 89 -30.45 1.71 19.67
CA PRO G 89 -31.19 1.44 18.44
C PRO G 89 -31.52 2.67 17.60
N GLN G 90 -31.20 3.87 18.08
CA GLN G 90 -31.45 5.11 17.33
C GLN G 90 -30.39 5.28 16.23
N ALA G 91 -29.27 4.55 16.31
CA ALA G 91 -28.13 4.61 15.36
C ALA G 91 -28.60 4.30 13.95
N SER G 92 -28.11 5.08 12.96
CA SER G 92 -28.42 4.93 11.52
C SER G 92 -27.23 5.34 10.66
N LYS G 93 -27.29 5.07 9.36
CA LYS G 93 -26.25 5.53 8.39
C LYS G 93 -26.15 7.05 8.44
N THR G 94 -27.29 7.70 8.63
CA THR G 94 -27.38 9.18 8.65
C THR G 94 -26.68 9.69 9.90
N SER G 95 -27.07 9.21 11.08
CA SER G 95 -26.59 9.79 12.34
C SER G 95 -25.12 9.43 12.56
N ILE G 96 -24.72 8.21 12.24
CA ILE G 96 -23.29 7.78 12.34
C ILE G 96 -22.48 8.37 11.16
N GLY G 97 -23.08 8.61 10.00
CA GLY G 97 -22.39 9.34 8.90
C GLY G 97 -22.03 10.76 9.30
N HIS G 98 -22.92 11.43 10.04
CA HIS G 98 -22.79 12.81 10.59
C HIS G 98 -21.66 12.80 11.66
N VAL G 99 -21.47 11.71 12.41
CA VAL G 99 -20.36 11.61 13.40
C VAL G 99 -19.08 11.49 12.58
N VAL G 100 -19.10 10.64 11.57
CA VAL G 100 -17.90 10.45 10.71
C VAL G 100 -17.55 11.81 10.08
N GLN G 101 -18.52 12.57 9.55
CA GLN G 101 -18.27 13.94 8.97
C GLN G 101 -17.65 14.87 10.04
N LEU G 102 -18.12 14.82 11.28
CA LEU G 102 -17.50 15.60 12.35
C LEU G 102 -15.97 15.37 12.31
N LEU G 103 -15.56 14.10 12.33
CA LEU G 103 -14.13 13.71 12.44
C LEU G 103 -13.43 14.13 11.14
N TYR G 104 -14.15 14.05 10.02
CA TYR G 104 -13.63 14.38 8.66
C TYR G 104 -13.37 15.88 8.54
N ARG G 105 -14.28 16.67 9.10
CA ARG G 105 -14.26 18.14 9.22
C ARG G 105 -13.20 18.55 10.25
N ALA G 106 -12.95 17.72 11.26
CA ALA G 106 -11.86 17.96 12.25
C ALA G 106 -10.47 17.64 11.67
N SER G 107 -10.38 17.24 10.40
CA SER G 107 -9.11 16.93 9.66
C SER G 107 -8.40 15.70 10.28
N CYS G 108 -9.14 14.67 10.68
CA CYS G 108 -8.56 13.47 11.29
C CYS G 108 -8.14 12.44 10.26
N PHE G 109 -8.62 12.57 9.01
CA PHE G 109 -8.39 11.55 7.94
C PHE G 109 -7.31 12.05 6.97
N LYS G 110 -6.46 11.15 6.49
CA LYS G 110 -5.42 11.49 5.49
C LYS G 110 -6.12 11.99 4.22
N VAL G 111 -5.71 13.17 3.75
CA VAL G 111 -6.18 13.79 2.49
C VAL G 111 -5.62 12.91 1.36
N THR G 112 -6.48 12.45 0.46
CA THR G 112 -6.14 11.48 -0.61
C THR G 112 -6.06 12.22 -1.96
N LYS G 113 -5.44 11.63 -2.99
CA LYS G 113 -5.55 12.16 -4.39
C LYS G 113 -7.05 12.35 -4.67
N ARG G 114 -7.39 13.32 -5.53
CA ARG G 114 -8.77 13.86 -5.69
C ARG G 114 -9.54 13.11 -6.81
N ASP G 115 -8.94 12.55 -7.81
CA ASP G 115 -9.80 11.90 -8.78
C ASP G 115 -9.81 10.35 -8.57
N GLU G 116 -10.05 9.92 -7.34
CA GLU G 116 -10.05 8.51 -6.94
C GLU G 116 -11.32 7.70 -7.23
N ASP G 117 -11.17 6.43 -7.55
CA ASP G 117 -12.38 5.62 -7.83
C ASP G 117 -13.23 5.48 -6.57
N SER G 118 -12.59 5.27 -5.42
CA SER G 118 -13.25 5.39 -4.09
C SER G 118 -12.48 6.37 -3.21
N SER G 119 -13.14 6.87 -2.17
CA SER G 119 -12.54 7.80 -1.19
C SER G 119 -12.55 7.14 0.19
N LEU G 120 -11.33 6.95 0.72
CA LEU G 120 -11.02 6.09 1.87
C LEU G 120 -10.63 6.98 3.04
N MET G 121 -11.33 6.80 4.16
CA MET G 121 -11.10 7.39 5.51
C MET G 121 -10.05 6.49 6.21
N GLN G 122 -8.85 7.02 6.41
CA GLN G 122 -7.77 6.38 7.20
C GLN G 122 -7.31 7.35 8.29
N LEU G 123 -7.24 6.96 9.56
CA LEU G 123 -6.82 7.95 10.59
C LEU G 123 -5.42 8.51 10.26
N LYS G 124 -5.21 9.80 10.53
CA LYS G 124 -3.86 10.43 10.64
C LYS G 124 -3.09 9.65 11.72
N GLU G 125 -1.77 9.51 11.56
CA GLU G 125 -0.91 8.71 12.48
C GLU G 125 -1.10 9.25 13.91
N GLU G 126 -1.11 10.58 14.08
CA GLU G 126 -1.17 11.27 15.41
C GLU G 126 -2.52 10.98 16.11
N PHE G 127 -3.54 10.55 15.37
CA PHE G 127 -4.93 10.36 15.91
C PHE G 127 -5.41 8.90 15.88
N ARG G 128 -4.45 7.98 15.99
CA ARG G 128 -4.85 6.58 16.06
C ARG G 128 -5.06 6.08 17.48
N THR G 129 -5.10 6.99 18.44
CA THR G 129 -5.38 6.71 19.89
C THR G 129 -6.73 7.33 20.25
N TYR G 130 -7.44 6.74 21.21
CA TYR G 130 -8.74 7.25 21.71
C TYR G 130 -8.54 8.68 22.21
N GLU G 131 -7.46 8.88 22.97
CA GLU G 131 -7.08 10.21 23.52
C GLU G 131 -6.98 11.25 22.39
N ALA G 132 -6.13 11.04 21.40
CA ALA G 132 -5.84 12.05 20.34
C ALA G 132 -7.06 12.29 19.46
N LEU G 133 -7.86 11.25 19.20
CA LEU G 133 -9.08 11.38 18.35
C LEU G 133 -10.13 12.18 19.12
N ARG G 134 -10.42 11.80 20.37
CA ARG G 134 -11.37 12.57 21.20
C ARG G 134 -10.88 14.02 21.31
N ARG G 135 -9.65 14.28 21.73
CA ARG G 135 -9.27 15.69 22.01
C ARG G 135 -9.49 16.47 20.70
N GLU G 136 -9.27 15.84 19.54
CA GLU G 136 -9.58 16.45 18.22
C GLU G 136 -11.09 16.63 18.03
N HIS G 137 -11.90 15.66 18.48
CA HIS G 137 -13.40 15.62 18.37
C HIS G 137 -14.02 16.68 19.29
N ASP G 138 -13.67 16.65 20.59
CA ASP G 138 -14.11 17.63 21.61
C ASP G 138 -13.80 19.04 21.10
N SER G 139 -12.58 19.25 20.58
CA SER G 139 -12.07 20.54 20.06
C SER G 139 -13.00 21.07 18.99
N GLN G 140 -12.98 20.48 17.79
CA GLN G 140 -13.82 20.84 16.61
C GLN G 140 -15.24 21.26 17.01
N ILE G 141 -15.84 20.63 18.02
CA ILE G 141 -17.21 20.96 18.47
C ILE G 141 -17.19 22.40 19.00
N VAL G 142 -16.05 22.84 19.56
CA VAL G 142 -15.83 24.22 20.06
C VAL G 142 -15.63 25.19 18.87
N GLN G 143 -14.74 24.85 17.93
CA GLN G 143 -14.51 25.66 16.69
C GLN G 143 -15.84 25.87 15.95
N ILE G 144 -16.87 25.06 16.21
CA ILE G 144 -18.25 25.21 15.64
C ILE G 144 -19.01 26.27 16.44
N ALA G 145 -18.95 26.20 17.77
CA ALA G 145 -19.49 27.28 18.64
C ALA G 145 -18.96 28.63 18.13
N MET G 146 -17.65 28.84 18.18
CA MET G 146 -16.97 30.05 17.64
C MET G 146 -17.64 30.50 16.34
N GLU G 147 -17.81 29.58 15.40
CA GLU G 147 -18.06 29.85 13.96
C GLU G 147 -19.47 30.43 13.76
N ALA G 148 -20.48 29.88 14.44
CA ALA G 148 -21.85 30.44 14.50
C ALA G 148 -21.93 31.45 15.63
N GLY G 149 -20.79 31.71 16.30
CA GLY G 149 -20.56 32.91 17.12
C GLY G 149 -20.86 32.70 18.60
N LEU G 150 -21.39 31.52 18.97
CA LEU G 150 -21.89 31.26 20.35
C LEU G 150 -20.73 31.39 21.35
N ARG G 151 -21.05 31.74 22.58
CA ARG G 151 -20.10 32.05 23.69
C ARG G 151 -20.41 31.07 24.84
N ILE G 152 -19.55 30.08 25.08
CA ILE G 152 -19.83 28.98 26.06
C ILE G 152 -18.61 28.78 26.99
N ALA G 153 -18.89 28.51 28.27
CA ALA G 153 -17.91 28.50 29.38
C ALA G 153 -17.59 27.07 29.79
N PRO G 154 -16.33 26.79 30.21
CA PRO G 154 -15.86 25.42 30.44
C PRO G 154 -16.81 24.49 31.20
N ASP G 155 -17.39 24.95 32.30
CA ASP G 155 -18.24 24.12 33.19
C ASP G 155 -19.37 23.48 32.37
N GLN G 156 -20.06 24.28 31.54
CA GLN G 156 -21.14 23.84 30.62
C GLN G 156 -20.65 22.58 29.92
N TRP G 157 -19.55 22.71 29.16
CA TRP G 157 -18.88 21.63 28.41
C TRP G 157 -18.90 20.31 29.20
N SER G 158 -18.12 20.15 30.26
CA SER G 158 -17.99 18.81 30.92
C SER G 158 -19.31 18.05 30.80
N SER G 159 -20.40 18.69 31.21
CA SER G 159 -21.76 18.07 31.24
C SER G 159 -22.24 17.76 29.80
N LEU G 160 -22.05 18.69 28.86
CA LEU G 160 -22.57 18.55 27.47
C LEU G 160 -21.97 17.29 26.81
N LEU G 161 -20.63 17.16 26.83
CA LEU G 161 -19.83 16.12 26.12
C LEU G 161 -19.70 14.81 26.94
N TYR G 162 -19.77 14.84 28.28
CA TYR G 162 -19.42 13.68 29.15
C TYR G 162 -20.54 13.29 30.13
N GLY G 163 -21.53 14.17 30.34
CA GLY G 163 -22.69 13.89 31.21
C GLY G 163 -22.28 13.88 32.67
N ASP G 164 -21.49 14.87 33.08
CA ASP G 164 -21.03 15.06 34.48
C ASP G 164 -20.02 16.20 34.50
N GLN G 165 -19.44 16.47 35.67
CA GLN G 165 -18.37 17.49 35.91
C GLN G 165 -17.20 16.66 36.40
N SER G 166 -16.90 15.54 35.73
CA SER G 166 -15.73 14.65 35.96
C SER G 166 -14.73 14.79 34.81
N HIS G 167 -14.98 15.73 33.90
CA HIS G 167 -14.10 16.03 32.73
C HIS G 167 -13.91 17.54 32.68
N LYS G 168 -13.96 18.17 33.87
CA LYS G 168 -14.01 19.63 34.07
C LYS G 168 -12.83 20.39 33.46
N SER G 169 -11.61 20.10 33.91
CA SER G 169 -10.39 20.87 33.58
C SER G 169 -9.95 20.34 32.21
N HIS G 170 -10.15 19.04 32.01
CA HIS G 170 -9.93 18.34 30.72
C HIS G 170 -10.55 19.18 29.60
N MET G 171 -11.75 19.72 29.85
CA MET G 171 -12.45 20.61 28.89
C MET G 171 -11.82 22.01 28.87
N GLN G 172 -11.40 22.55 30.03
CA GLN G 172 -10.80 23.90 30.11
C GLN G 172 -9.57 23.96 29.19
N SER G 173 -8.69 22.95 29.30
CA SER G 173 -7.44 22.85 28.50
C SER G 173 -7.71 23.06 27.00
N ILE G 174 -8.79 22.49 26.46
CA ILE G 174 -9.08 22.44 24.99
C ILE G 174 -9.42 23.86 24.46
N ILE G 175 -10.29 24.58 25.16
CA ILE G 175 -10.62 25.98 24.75
C ILE G 175 -9.32 26.80 24.75
N ASP G 176 -8.44 26.54 25.70
CA ASP G 176 -7.10 27.18 25.79
C ASP G 176 -6.28 26.88 24.52
N LYS G 177 -6.10 25.61 24.20
CA LYS G 177 -5.16 25.15 23.12
C LYS G 177 -5.40 25.94 21.83
N LEU G 178 -6.62 26.47 21.63
CA LEU G 178 -6.92 27.42 20.53
C LEU G 178 -6.26 28.77 20.86
N GLN G 179 -6.75 29.48 21.90
CA GLN G 179 -6.14 30.67 22.58
C GLN G 179 -6.27 31.95 21.73
#